data_8WHQ
#
_entry.id   8WHQ
#
_cell.length_a   77.047
_cell.length_b   84.184
_cell.length_c   62.923
_cell.angle_alpha   90.00
_cell.angle_beta   99.91
_cell.angle_gamma   90.00
#
_symmetry.space_group_name_H-M   'C 1 2 1'
#
loop_
_entity.id
_entity.type
_entity.pdbx_description
1 polymer '4-hydroxyphenylpyruvate dioxygenase'
2 non-polymer 'COBALT (II) ION'
3 non-polymer 1,8-dimethyl-6-(2-oxidanyl-6-oxidanylidene-cyclohexen-1-yl)carbonyl-3-(phenylmethyl)quinazoline-2,4-dione
4 water water
#
_entity_poly.entity_id   1
_entity_poly.type   'polypeptide(L)'
_entity_poly.pdbx_seq_one_letter_code
;GSHMVRKNPKSDKFKVKRFHHIEFWCGDATNVARRFSWGLGMRFSAKSDLSTGNMVHASYLLTSGDLRFLFTAPYSPSLS
AGEIKPTTTASIPSFDHGSCRSFFSSHGLGVRAVAIEVEDAESAFSISVANGAIPSSPPIVLNEAVTIAEVKLYGDVVLR
YVSYKAEDTEKSEFLPGFERVEDASSFPLDYGIRRLDHAVGNVPELGPALTYVAGFTGFHQFAEFTADDVGTAESGLNSA
VLASNDEMVLLPINEPVHGTKRKSQIQTYLEHNEGAGLQHLALMSEDIFRTLREMRKRSSIGGFDFMPSPPPTYYQNLKK
RVGDVLSDDQIKECEELGILVDRDDQGTLLQIFTKPLGDRPTIFIEIIQRVGCMMKDEEGKAYQSGGCGGFGKGNFSELF
KSIEEYEKTLEAKQLVG
;
_entity_poly.pdbx_strand_id   A
#
loop_
_chem_comp.id
_chem_comp.type
_chem_comp.name
_chem_comp.formula
CO non-polymer 'COBALT (II) ION' 'Co 2'
WI9 non-polymer 1,8-dimethyl-6-(2-oxidanyl-6-oxidanylidene-cyclohexen-1-yl)carbonyl-3-(phenylmethyl)quinazoline-2,4-dione 'C24 H22 N2 O5'
#
# COMPACT_ATOMS: atom_id res chain seq x y z
N LYS A 7 -9.21 -20.93 9.34
CA LYS A 7 -10.42 -21.18 8.56
C LYS A 7 -10.50 -20.23 7.36
N ASN A 8 -10.56 -20.81 6.16
CA ASN A 8 -10.65 -20.05 4.91
C ASN A 8 -11.92 -20.47 4.20
N PRO A 9 -13.04 -19.78 4.42
CA PRO A 9 -14.31 -20.16 3.77
C PRO A 9 -14.34 -19.91 2.26
N LYS A 10 -13.37 -19.18 1.70
CA LYS A 10 -13.25 -18.95 0.26
C LYS A 10 -14.55 -18.41 -0.34
N SER A 11 -14.96 -17.25 0.17
CA SER A 11 -16.27 -16.68 -0.11
C SER A 11 -16.25 -15.48 -1.05
N ASP A 12 -15.12 -15.24 -1.74
CA ASP A 12 -15.03 -14.13 -2.70
C ASP A 12 -16.25 -14.14 -3.61
N LYS A 13 -16.91 -12.99 -3.74
CA LYS A 13 -18.09 -12.92 -4.58
C LYS A 13 -17.74 -12.79 -6.06
N PHE A 14 -16.46 -12.63 -6.39
CA PHE A 14 -16.00 -12.56 -7.77
C PHE A 14 -14.53 -12.93 -7.77
N LYS A 15 -14.01 -13.29 -8.94
CA LYS A 15 -12.66 -13.85 -9.03
C LYS A 15 -11.65 -12.71 -8.93
N VAL A 16 -10.85 -12.74 -7.86
CA VAL A 16 -9.79 -11.77 -7.60
C VAL A 16 -8.45 -12.44 -7.88
N LYS A 17 -7.54 -11.70 -8.53
CA LYS A 17 -6.21 -12.23 -8.80
C LYS A 17 -5.20 -11.65 -7.80
N ARG A 18 -4.57 -10.54 -8.16
CA ARG A 18 -3.54 -9.96 -7.28
C ARG A 18 -3.69 -8.45 -7.23
N PHE A 19 -3.00 -7.85 -6.26
CA PHE A 19 -2.80 -6.40 -6.30
C PHE A 19 -2.23 -6.02 -7.67
N HIS A 20 -2.74 -4.94 -8.22
CA HIS A 20 -2.31 -4.51 -9.54
C HIS A 20 -1.51 -3.21 -9.48
N HIS A 21 -2.02 -2.19 -8.81
CA HIS A 21 -1.26 -0.97 -8.64
C HIS A 21 -1.84 -0.16 -7.49
N ILE A 22 -1.06 0.83 -7.05
CA ILE A 22 -1.48 1.79 -6.05
C ILE A 22 -1.37 3.14 -6.74
N GLU A 23 -2.41 3.97 -6.62
CA GLU A 23 -2.37 5.29 -7.24
C GLU A 23 -2.35 6.37 -6.16
N PHE A 24 -1.30 7.20 -6.19
CA PHE A 24 -1.22 8.39 -5.36
C PHE A 24 -1.81 9.59 -6.10
N TRP A 25 -2.59 10.39 -5.40
CA TRP A 25 -3.03 11.67 -5.92
C TRP A 25 -2.12 12.76 -5.34
N CYS A 26 -1.52 13.54 -6.22
CA CYS A 26 -0.45 14.47 -5.89
C CYS A 26 -0.84 15.87 -6.34
N GLY A 27 -0.05 16.84 -5.89
CA GLY A 27 -0.14 18.15 -6.47
C GLY A 27 0.74 18.26 -7.69
N ASP A 28 1.94 17.69 -7.60
CA ASP A 28 2.92 17.64 -8.69
C ASP A 28 3.42 16.21 -8.79
N ALA A 29 2.96 15.51 -9.81
CA ALA A 29 3.29 14.10 -9.94
C ALA A 29 4.77 13.90 -10.22
N THR A 30 5.38 14.82 -10.97
CA THR A 30 6.80 14.69 -11.33
C THR A 30 7.69 14.62 -10.10
N ASN A 31 7.53 15.56 -9.16
CA ASN A 31 8.46 15.59 -8.03
C ASN A 31 8.23 14.43 -7.08
N VAL A 32 6.98 14.06 -6.84
CA VAL A 32 6.75 12.90 -5.98
C VAL A 32 7.30 11.63 -6.63
N ALA A 33 7.01 11.43 -7.92
CA ALA A 33 7.50 10.21 -8.58
C ALA A 33 9.03 10.15 -8.57
N ARG A 34 9.72 11.25 -8.88
CA ARG A 34 11.17 11.19 -8.86
C ARG A 34 11.72 10.91 -7.46
N ARG A 35 11.12 11.52 -6.43
CA ARG A 35 11.56 11.25 -5.06
C ARG A 35 11.36 9.78 -4.72
N PHE A 36 10.17 9.25 -5.00
CA PHE A 36 9.88 7.85 -4.68
C PHE A 36 10.79 6.90 -5.46
N SER A 37 11.07 7.23 -6.73
CA SER A 37 11.91 6.36 -7.56
C SER A 37 13.29 6.18 -6.93
N TRP A 38 13.91 7.30 -6.55
CA TRP A 38 15.23 7.26 -5.95
C TRP A 38 15.19 6.62 -4.56
N GLY A 39 14.15 6.95 -3.79
CA GLY A 39 14.09 6.48 -2.41
C GLY A 39 13.84 4.99 -2.29
N LEU A 40 13.06 4.41 -3.20
CA LEU A 40 12.62 3.02 -3.10
C LEU A 40 13.27 2.11 -4.13
N GLY A 41 13.98 2.68 -5.11
CA GLY A 41 14.59 1.86 -6.13
C GLY A 41 13.61 1.36 -7.15
N MET A 42 12.68 2.22 -7.58
CA MET A 42 11.69 1.86 -8.57
C MET A 42 12.00 2.56 -9.86
N ARG A 43 11.77 1.86 -10.95
CA ARG A 43 12.12 2.35 -12.28
C ARG A 43 10.92 3.08 -12.87
N PHE A 44 11.19 4.13 -13.64
CA PHE A 44 10.14 4.78 -14.42
C PHE A 44 9.75 3.87 -15.58
N SER A 45 8.48 3.49 -15.64
CA SER A 45 8.03 2.48 -16.59
C SER A 45 7.07 2.99 -17.64
N ALA A 46 6.13 3.87 -17.30
CA ALA A 46 5.17 4.35 -18.28
C ALA A 46 4.71 5.73 -17.86
N LYS A 47 4.13 6.45 -18.82
CA LYS A 47 3.64 7.80 -18.58
C LYS A 47 2.40 8.08 -19.41
N SER A 48 1.56 8.97 -18.89
CA SER A 48 0.44 9.53 -19.63
C SER A 48 0.39 11.00 -19.23
N ASP A 49 0.64 11.90 -20.17
CA ASP A 49 0.77 13.32 -19.84
C ASP A 49 0.67 14.12 -21.13
N LEU A 50 1.03 15.41 -21.07
CA LEU A 50 0.93 16.24 -22.26
C LEU A 50 1.66 15.64 -23.45
N SER A 51 2.83 15.04 -23.21
CA SER A 51 3.61 14.50 -24.31
C SER A 51 2.94 13.30 -24.96
N THR A 52 1.96 12.68 -24.31
CA THR A 52 1.20 11.59 -24.90
C THR A 52 -0.21 12.01 -25.28
N GLY A 53 -0.51 13.30 -25.23
CA GLY A 53 -1.81 13.83 -25.62
C GLY A 53 -2.82 13.92 -24.50
N ASN A 54 -2.43 13.67 -23.26
CA ASN A 54 -3.33 13.77 -22.12
C ASN A 54 -3.31 15.21 -21.63
N MET A 55 -4.39 15.95 -21.90
CA MET A 55 -4.56 17.34 -21.48
C MET A 55 -5.21 17.47 -20.12
N VAL A 56 -5.51 16.35 -19.46
CA VAL A 56 -6.29 16.35 -18.24
C VAL A 56 -5.41 16.14 -17.02
N HIS A 57 -4.59 15.11 -17.05
CA HIS A 57 -3.78 14.75 -15.89
C HIS A 57 -2.42 14.25 -16.33
N ALA A 58 -1.43 14.47 -15.47
CA ALA A 58 -0.10 13.90 -15.62
C ALA A 58 -0.01 12.67 -14.73
N SER A 59 0.36 11.53 -15.30
CA SER A 59 0.40 10.27 -14.56
C SER A 59 1.70 9.54 -14.87
N TYR A 60 2.46 9.18 -13.84
CA TYR A 60 3.73 8.49 -14.03
C TYR A 60 3.72 7.20 -13.24
N LEU A 61 4.13 6.11 -13.89
CA LEU A 61 4.14 4.79 -13.29
C LEU A 61 5.56 4.39 -12.96
N LEU A 62 5.79 4.00 -11.70
CA LEU A 62 7.04 3.39 -11.27
C LEU A 62 6.82 1.90 -11.03
N THR A 63 7.83 1.09 -11.32
CA THR A 63 7.68 -0.34 -11.12
C THR A 63 8.93 -0.89 -10.45
N SER A 64 8.74 -1.86 -9.55
CA SER A 64 9.84 -2.67 -9.01
C SER A 64 9.32 -4.08 -8.87
N GLY A 65 9.84 -5.00 -9.68
CA GLY A 65 9.25 -6.33 -9.72
C GLY A 65 7.81 -6.22 -10.21
N ASP A 66 6.89 -6.75 -9.42
CA ASP A 66 5.47 -6.64 -9.74
C ASP A 66 4.81 -5.45 -9.04
N LEU A 67 5.56 -4.69 -8.24
CA LEU A 67 4.98 -3.52 -7.58
C LEU A 67 4.81 -2.39 -8.58
N ARG A 68 3.62 -1.78 -8.58
CA ARG A 68 3.32 -0.66 -9.49
C ARG A 68 2.79 0.49 -8.67
N PHE A 69 3.53 1.61 -8.65
CA PHE A 69 3.11 2.86 -8.03
C PHE A 69 2.80 3.86 -9.14
N LEU A 70 1.57 4.39 -9.14
CA LEU A 70 1.16 5.40 -10.08
C LEU A 70 1.00 6.73 -9.36
N PHE A 71 1.54 7.80 -9.96
CA PHE A 71 1.48 9.16 -9.38
C PHE A 71 0.76 10.07 -10.36
N THR A 72 -0.32 10.68 -9.90
CA THR A 72 -1.18 11.47 -10.77
C THR A 72 -1.49 12.82 -10.15
N ALA A 73 -1.50 13.85 -11.00
CA ALA A 73 -1.80 15.21 -10.61
C ALA A 73 -2.60 15.86 -11.72
N PRO A 74 -3.48 16.79 -11.39
CA PRO A 74 -4.27 17.46 -12.42
C PRO A 74 -3.54 18.61 -13.08
N TYR A 75 -3.78 18.79 -14.39
CA TYR A 75 -3.36 20.00 -15.09
C TYR A 75 -4.37 21.11 -14.82
N SER A 76 -4.12 22.29 -15.38
CA SER A 76 -5.16 23.32 -15.38
C SER A 76 -6.39 22.80 -16.12
N PRO A 77 -7.58 22.88 -15.54
CA PRO A 77 -8.79 22.50 -16.30
C PRO A 77 -8.92 23.24 -17.62
N SER A 78 -8.33 24.43 -17.74
CA SER A 78 -8.44 25.19 -18.99
C SER A 78 -7.88 24.42 -20.18
N LEU A 79 -6.91 23.51 -19.95
CA LEU A 79 -6.33 22.78 -21.07
C LEU A 79 -7.36 21.86 -21.74
N SER A 80 -8.37 21.43 -21.00
CA SER A 80 -9.34 20.45 -21.48
C SER A 80 -10.77 20.98 -21.39
N ALA A 81 -10.94 22.31 -21.36
CA ALA A 81 -12.25 22.89 -21.10
C ALA A 81 -13.26 22.56 -22.20
N GLY A 82 -12.80 22.32 -23.43
CA GLY A 82 -13.74 22.00 -24.48
C GLY A 82 -14.15 20.55 -24.53
N GLU A 83 -13.42 19.68 -23.83
CA GLU A 83 -13.70 18.26 -23.85
C GLU A 83 -14.94 17.93 -23.04
N ILE A 84 -15.60 16.84 -23.43
CA ILE A 84 -16.61 16.18 -22.62
C ILE A 84 -16.13 14.75 -22.39
N LYS A 85 -16.80 14.05 -21.48
CA LYS A 85 -16.37 12.68 -21.18
C LYS A 85 -16.26 11.82 -22.44
N PRO A 86 -17.20 11.85 -23.39
CA PRO A 86 -17.00 11.10 -24.64
C PRO A 86 -15.75 11.50 -25.43
N THR A 87 -15.27 12.73 -25.29
CA THR A 87 -14.13 13.21 -26.07
C THR A 87 -12.90 13.45 -25.21
N THR A 88 -12.84 12.85 -24.01
CA THR A 88 -11.75 13.16 -23.09
C THR A 88 -10.41 12.61 -23.58
N THR A 89 -9.35 13.32 -23.23
CA THR A 89 -7.99 12.83 -23.46
C THR A 89 -7.37 12.22 -22.21
N ALA A 90 -8.11 12.19 -21.09
CA ALA A 90 -7.66 11.46 -19.92
C ALA A 90 -7.51 9.98 -20.23
N SER A 91 -6.42 9.40 -19.78
CA SER A 91 -6.20 7.97 -19.90
C SER A 91 -6.82 7.19 -18.75
N ILE A 92 -7.10 7.86 -17.65
CA ILE A 92 -7.85 7.27 -16.55
C ILE A 92 -9.21 7.95 -16.48
N PRO A 93 -10.25 7.37 -17.09
CA PRO A 93 -11.51 8.11 -17.24
C PRO A 93 -12.23 8.40 -15.94
N SER A 94 -11.90 7.70 -14.85
CA SER A 94 -12.45 8.06 -13.54
C SER A 94 -11.88 9.36 -12.98
N PHE A 95 -10.79 9.87 -13.55
CA PHE A 95 -10.18 11.07 -12.98
C PHE A 95 -11.12 12.27 -13.09
N ASP A 96 -11.08 13.12 -12.07
CA ASP A 96 -11.84 14.36 -12.06
C ASP A 96 -11.02 15.44 -11.37
N HIS A 97 -10.87 16.59 -12.05
CA HIS A 97 -10.08 17.71 -11.51
C HIS A 97 -10.56 18.08 -10.11
N GLY A 98 -11.86 18.31 -9.97
CA GLY A 98 -12.40 18.75 -8.69
C GLY A 98 -12.20 17.72 -7.60
N SER A 99 -12.46 16.45 -7.92
CA SER A 99 -12.24 15.38 -6.94
C SER A 99 -10.79 15.34 -6.51
N CYS A 100 -9.87 15.45 -7.47
CA CYS A 100 -8.46 15.33 -7.15
C CYS A 100 -7.99 16.49 -6.31
N ARG A 101 -8.39 17.71 -6.67
CA ARG A 101 -7.97 18.86 -5.86
C ARG A 101 -8.61 18.82 -4.48
N SER A 102 -9.87 18.40 -4.39
CA SER A 102 -10.53 18.28 -3.10
C SER A 102 -9.86 17.22 -2.24
N PHE A 103 -9.53 16.07 -2.84
CA PHE A 103 -8.83 15.03 -2.10
C PHE A 103 -7.51 15.56 -1.55
N PHE A 104 -6.73 16.23 -2.38
CA PHE A 104 -5.40 16.63 -1.93
C PHE A 104 -5.49 17.75 -0.90
N SER A 105 -6.43 18.68 -1.08
CA SER A 105 -6.62 19.72 -0.07
C SER A 105 -7.02 19.12 1.27
N SER A 106 -7.89 18.11 1.24
CA SER A 106 -8.38 17.53 2.47
C SER A 106 -7.34 16.65 3.14
N HIS A 107 -6.63 15.82 2.37
CA HIS A 107 -5.81 14.76 2.93
C HIS A 107 -4.31 14.96 2.75
N GLY A 108 -3.89 15.87 1.86
CA GLY A 108 -2.52 15.93 1.44
C GLY A 108 -2.19 14.71 0.59
N LEU A 109 -0.88 14.52 0.39
CA LEU A 109 -0.39 13.41 -0.44
C LEU A 109 -0.78 12.06 0.14
N GLY A 110 -1.37 11.21 -0.71
CA GLY A 110 -1.89 9.97 -0.17
C GLY A 110 -2.43 9.08 -1.28
N VAL A 111 -2.85 7.89 -0.87
CA VAL A 111 -3.35 6.91 -1.83
C VAL A 111 -4.81 7.20 -2.12
N ARG A 112 -5.14 7.35 -3.40
CA ARG A 112 -6.52 7.46 -3.86
C ARG A 112 -7.11 6.11 -4.20
N ALA A 113 -6.35 5.24 -4.87
CA ALA A 113 -6.89 3.96 -5.35
C ALA A 113 -5.98 2.81 -4.95
N VAL A 114 -6.59 1.77 -4.37
CA VAL A 114 -5.99 0.46 -4.22
C VAL A 114 -6.57 -0.39 -5.34
N ALA A 115 -5.76 -0.76 -6.32
CA ALA A 115 -6.25 -1.43 -7.52
C ALA A 115 -5.90 -2.91 -7.48
N ILE A 116 -6.92 -3.75 -7.69
CA ILE A 116 -6.71 -5.20 -7.76
C ILE A 116 -7.14 -5.68 -9.13
N GLU A 117 -6.40 -6.64 -9.67
CA GLU A 117 -6.79 -7.25 -10.94
C GLU A 117 -7.83 -8.34 -10.67
N VAL A 118 -8.87 -8.34 -11.49
CA VAL A 118 -9.96 -9.31 -11.41
C VAL A 118 -10.17 -9.90 -12.79
N GLU A 119 -11.03 -10.94 -12.84
CA GLU A 119 -11.29 -11.56 -14.14
C GLU A 119 -12.16 -10.67 -15.02
N ASP A 120 -13.11 -9.96 -14.41
CA ASP A 120 -14.10 -9.20 -15.15
C ASP A 120 -14.49 -7.99 -14.29
N ALA A 121 -13.93 -6.83 -14.63
CA ALA A 121 -14.15 -5.63 -13.82
C ALA A 121 -15.62 -5.19 -13.85
N GLU A 122 -16.31 -5.41 -14.96
CA GLU A 122 -17.73 -5.04 -14.98
C GLU A 122 -18.55 -5.94 -14.06
N SER A 123 -18.31 -7.25 -14.11
CA SER A 123 -18.98 -8.14 -13.17
C SER A 123 -18.61 -7.81 -11.73
N ALA A 124 -17.32 -7.58 -11.46
CA ALA A 124 -16.92 -7.24 -10.10
C ALA A 124 -17.64 -5.99 -9.60
N PHE A 125 -17.77 -4.97 -10.44
CA PHE A 125 -18.46 -3.76 -10.04
C PHE A 125 -19.94 -4.05 -9.76
N SER A 126 -20.57 -4.76 -10.68
CA SER A 126 -22.00 -5.07 -10.55
C SER A 126 -22.28 -5.89 -9.29
N ILE A 127 -21.52 -6.96 -9.08
CA ILE A 127 -21.72 -7.77 -7.88
C ILE A 127 -21.41 -6.97 -6.62
N SER A 128 -20.33 -6.17 -6.65
CA SER A 128 -20.00 -5.36 -5.47
C SER A 128 -21.15 -4.43 -5.10
N VAL A 129 -21.67 -3.68 -6.08
CA VAL A 129 -22.72 -2.71 -5.80
C VAL A 129 -24.00 -3.43 -5.38
N ALA A 130 -24.28 -4.58 -6.00
CA ALA A 130 -25.46 -5.36 -5.60
C ALA A 130 -25.36 -5.81 -4.15
N ASN A 131 -24.16 -5.86 -3.60
CA ASN A 131 -23.91 -6.30 -2.24
C ASN A 131 -23.45 -5.17 -1.32
N GLY A 132 -23.81 -3.93 -1.62
CA GLY A 132 -23.68 -2.83 -0.69
C GLY A 132 -22.56 -1.84 -1.00
N ALA A 133 -21.71 -2.10 -1.99
CA ALA A 133 -20.62 -1.18 -2.30
C ALA A 133 -21.18 0.13 -2.86
N ILE A 134 -20.59 1.24 -2.41
CA ILE A 134 -20.95 2.56 -2.91
C ILE A 134 -20.18 2.77 -4.21
N PRO A 135 -20.86 2.92 -5.33
CA PRO A 135 -20.15 3.12 -6.60
C PRO A 135 -19.37 4.43 -6.59
N SER A 136 -18.19 4.39 -7.20
CA SER A 136 -17.40 5.60 -7.38
C SER A 136 -17.23 5.95 -8.85
N SER A 137 -16.90 4.97 -9.68
CA SER A 137 -16.83 5.23 -11.10
C SER A 137 -17.26 3.97 -11.81
N PRO A 138 -18.20 4.07 -12.75
CA PRO A 138 -18.78 2.89 -13.38
C PRO A 138 -17.77 2.20 -14.28
N PRO A 139 -18.01 0.96 -14.65
CA PRO A 139 -17.07 0.28 -15.55
C PRO A 139 -16.99 1.00 -16.87
N ILE A 140 -15.77 1.11 -17.39
CA ILE A 140 -15.52 1.70 -18.69
C ILE A 140 -14.47 0.85 -19.38
N VAL A 141 -14.71 0.53 -20.66
CA VAL A 141 -13.81 -0.31 -21.44
C VAL A 141 -12.87 0.59 -22.23
N LEU A 142 -11.56 0.41 -22.00
CA LEU A 142 -10.54 1.23 -22.61
C LEU A 142 -9.95 0.50 -23.81
N ASN A 143 -10.10 1.10 -24.99
CA ASN A 143 -9.58 0.57 -26.25
C ASN A 143 -9.94 -0.91 -26.44
N GLU A 144 -11.15 -1.28 -26.03
CA GLU A 144 -11.65 -2.66 -26.15
C GLU A 144 -10.68 -3.67 -25.54
N ALA A 145 -9.90 -3.25 -24.56
CA ALA A 145 -8.80 -4.09 -24.08
C ALA A 145 -8.76 -4.24 -22.56
N VAL A 146 -9.08 -3.19 -21.83
CA VAL A 146 -9.01 -3.18 -20.38
C VAL A 146 -10.29 -2.55 -19.86
N THR A 147 -10.82 -3.09 -18.76
CA THR A 147 -11.99 -2.52 -18.11
C THR A 147 -11.61 -2.10 -16.70
N ILE A 148 -12.01 -0.88 -16.32
CA ILE A 148 -11.71 -0.33 -15.01
C ILE A 148 -13.01 0.13 -14.38
N ALA A 149 -13.16 -0.12 -13.08
CA ALA A 149 -14.30 0.35 -12.30
C ALA A 149 -13.83 0.62 -10.88
N GLU A 150 -14.56 1.48 -10.17
CA GLU A 150 -14.17 1.87 -8.82
C GLU A 150 -15.36 1.90 -7.89
N VAL A 151 -15.16 1.40 -6.67
CA VAL A 151 -16.14 1.54 -5.60
C VAL A 151 -15.42 2.11 -4.38
N LYS A 152 -16.19 2.74 -3.49
CA LYS A 152 -15.60 3.30 -2.29
C LYS A 152 -15.09 2.20 -1.37
N LEU A 153 -13.89 2.39 -0.82
CA LEU A 153 -13.32 1.44 0.12
C LEU A 153 -13.45 1.96 1.56
N TYR A 154 -12.86 3.12 1.85
CA TYR A 154 -13.00 3.83 3.11
C TYR A 154 -12.50 5.25 2.90
N GLY A 155 -13.06 6.19 3.66
CA GLY A 155 -12.75 7.60 3.44
C GLY A 155 -12.95 7.96 1.97
N ASP A 156 -11.94 8.59 1.38
CA ASP A 156 -11.93 8.90 -0.04
C ASP A 156 -11.02 7.97 -0.82
N VAL A 157 -10.70 6.81 -0.26
CA VAL A 157 -9.95 5.78 -0.96
C VAL A 157 -10.92 4.88 -1.70
N VAL A 158 -10.61 4.56 -2.94
CA VAL A 158 -11.44 3.65 -3.74
C VAL A 158 -10.73 2.33 -3.96
N LEU A 159 -11.52 1.26 -4.05
CA LEU A 159 -11.04 -0.03 -4.51
C LEU A 159 -11.27 -0.07 -6.02
N ARG A 160 -10.19 -0.21 -6.79
CA ARG A 160 -10.25 -0.13 -8.24
C ARG A 160 -10.15 -1.54 -8.82
N TYR A 161 -11.14 -1.93 -9.60
CA TYR A 161 -11.10 -3.20 -10.30
C TYR A 161 -10.53 -2.99 -11.71
N VAL A 162 -9.55 -3.82 -12.07
CA VAL A 162 -8.97 -3.82 -13.41
C VAL A 162 -9.04 -5.22 -13.96
N SER A 163 -9.52 -5.37 -15.19
CA SER A 163 -9.56 -6.65 -15.88
C SER A 163 -9.02 -6.46 -17.29
N TYR A 164 -8.25 -7.45 -17.75
CA TYR A 164 -7.66 -7.43 -19.09
C TYR A 164 -8.27 -8.55 -19.92
N LYS A 165 -8.61 -8.25 -21.17
CA LYS A 165 -9.04 -9.30 -22.10
C LYS A 165 -7.89 -10.25 -22.41
N ALA A 166 -6.76 -9.70 -22.85
CA ALA A 166 -5.59 -10.51 -23.14
C ALA A 166 -4.72 -10.70 -21.89
N GLU A 173 1.97 -1.69 -21.54
CA GLU A 173 0.83 -2.59 -21.34
C GLU A 173 0.07 -2.25 -20.06
N PHE A 174 0.47 -1.17 -19.38
CA PHE A 174 -0.20 -0.81 -18.14
C PHE A 174 -1.66 -0.51 -18.41
N LEU A 175 -1.93 0.61 -19.07
CA LEU A 175 -3.26 0.95 -19.51
C LEU A 175 -3.16 1.54 -20.91
N PRO A 176 -4.21 1.41 -21.71
CA PRO A 176 -4.23 2.12 -23.00
C PRO A 176 -4.02 3.62 -22.78
N GLY A 177 -3.33 4.24 -23.72
CA GLY A 177 -3.01 5.65 -23.60
C GLY A 177 -1.75 5.96 -22.83
N PHE A 178 -1.21 4.98 -22.10
CA PHE A 178 0.11 5.15 -21.49
C PHE A 178 1.19 4.71 -22.47
N GLU A 179 2.35 5.35 -22.38
CA GLU A 179 3.49 5.01 -23.23
C GLU A 179 4.64 4.51 -22.37
N ARG A 180 5.29 3.41 -22.83
CA ARG A 180 6.61 3.03 -22.33
C ARG A 180 7.56 4.22 -22.35
N VAL A 181 8.30 4.39 -21.27
CA VAL A 181 9.24 5.51 -21.18
C VAL A 181 10.57 5.11 -21.81
N GLU A 182 11.19 6.08 -22.47
CA GLU A 182 12.46 5.85 -23.16
C GLU A 182 13.52 5.35 -22.19
N ASP A 183 14.31 4.38 -22.65
CA ASP A 183 15.31 3.77 -21.78
C ASP A 183 16.31 4.80 -21.25
N ALA A 184 16.57 5.86 -22.01
CA ALA A 184 17.49 6.91 -21.55
C ALA A 184 16.97 7.55 -20.26
N SER A 185 15.68 7.86 -20.22
CA SER A 185 15.07 8.40 -19.02
C SER A 185 14.66 7.33 -18.03
N SER A 186 14.87 6.06 -18.35
CA SER A 186 14.44 4.94 -17.51
C SER A 186 15.69 4.20 -17.02
N PHE A 187 16.20 4.62 -15.86
CA PHE A 187 17.37 4.05 -15.20
C PHE A 187 16.96 2.82 -14.40
N PRO A 188 17.72 1.69 -14.50
CA PRO A 188 17.24 0.42 -13.91
C PRO A 188 17.57 0.30 -12.42
N LEU A 189 17.05 1.25 -11.63
CA LEU A 189 17.16 1.14 -10.19
C LEU A 189 16.43 -0.12 -9.70
N ASP A 190 16.97 -0.73 -8.66
CA ASP A 190 16.34 -1.90 -8.06
C ASP A 190 16.99 -2.19 -6.71
N TYR A 191 16.26 -1.98 -5.61
CA TYR A 191 16.78 -2.29 -4.29
C TYR A 191 16.20 -3.58 -3.72
N GLY A 192 15.46 -4.34 -4.54
CA GLY A 192 14.96 -5.64 -4.14
C GLY A 192 13.47 -5.71 -3.89
N ILE A 193 12.74 -4.60 -3.99
CA ILE A 193 11.30 -4.66 -3.74
C ILE A 193 10.61 -5.36 -4.90
N ARG A 194 9.61 -6.18 -4.58
CA ARG A 194 9.06 -7.07 -5.60
C ARG A 194 7.54 -7.03 -5.73
N ARG A 195 6.82 -6.76 -4.65
CA ARG A 195 5.35 -6.75 -4.78
C ARG A 195 4.72 -6.10 -3.55
N LEU A 196 3.46 -5.70 -3.70
CA LEU A 196 2.68 -5.21 -2.57
C LEU A 196 2.17 -6.40 -1.77
N ASP A 197 2.48 -6.43 -0.48
CA ASP A 197 2.01 -7.50 0.40
C ASP A 197 0.66 -7.19 1.04
N HIS A 198 0.48 -5.98 1.57
CA HIS A 198 -0.80 -5.58 2.14
C HIS A 198 -0.91 -4.07 2.14
N ALA A 199 -2.15 -3.60 2.24
CA ALA A 199 -2.48 -2.18 2.24
C ALA A 199 -3.48 -1.95 3.36
N VAL A 200 -3.15 -1.02 4.26
CA VAL A 200 -3.80 -0.91 5.56
C VAL A 200 -4.56 0.41 5.64
N GLY A 201 -5.82 0.35 6.07
CA GLY A 201 -6.63 1.53 6.26
C GLY A 201 -6.82 1.89 7.72
N ASN A 202 -6.95 3.18 7.99
CA ASN A 202 -7.31 3.68 9.32
C ASN A 202 -8.74 4.21 9.27
N VAL A 203 -9.58 3.75 10.18
CA VAL A 203 -10.96 4.22 10.23
C VAL A 203 -11.29 4.62 11.67
N PRO A 204 -12.36 5.41 11.86
CA PRO A 204 -12.78 5.74 13.23
C PRO A 204 -13.44 4.57 13.94
N GLU A 205 -14.17 3.71 13.23
CA GLU A 205 -14.87 2.57 13.82
C GLU A 205 -14.61 1.34 12.96
N LEU A 206 -13.96 0.33 13.55
CA LEU A 206 -13.58 -0.85 12.78
C LEU A 206 -14.79 -1.66 12.34
N GLY A 207 -15.78 -1.79 13.21
CA GLY A 207 -16.92 -2.64 12.96
C GLY A 207 -17.64 -2.35 11.67
N PRO A 208 -18.21 -1.14 11.53
CA PRO A 208 -18.91 -0.81 10.28
C PRO A 208 -18.02 -0.89 9.06
N ALA A 209 -16.73 -0.57 9.21
CA ALA A 209 -15.82 -0.62 8.08
C ALA A 209 -15.59 -2.05 7.60
N LEU A 210 -15.41 -2.99 8.54
CA LEU A 210 -15.26 -4.39 8.17
C LEU A 210 -16.52 -4.91 7.50
N THR A 211 -17.67 -4.64 8.11
CA THR A 211 -18.93 -5.17 7.58
C THR A 211 -19.18 -4.67 6.18
N TYR A 212 -18.91 -3.40 5.91
CA TYR A 212 -19.07 -2.85 4.59
C TYR A 212 -18.19 -3.57 3.57
N VAL A 213 -16.88 -3.62 3.83
CA VAL A 213 -15.97 -4.15 2.82
C VAL A 213 -16.16 -5.65 2.65
N ALA A 214 -16.19 -6.40 3.77
CA ALA A 214 -16.46 -7.83 3.66
C ALA A 214 -17.83 -8.08 3.06
N GLY A 215 -18.78 -7.15 3.25
CA GLY A 215 -20.10 -7.32 2.68
C GLY A 215 -20.10 -7.38 1.16
N PHE A 216 -19.37 -6.45 0.51
CA PHE A 216 -19.44 -6.40 -0.95
C PHE A 216 -18.36 -7.22 -1.67
N THR A 217 -17.27 -7.61 -1.00
CA THR A 217 -16.25 -8.42 -1.65
C THR A 217 -16.40 -9.91 -1.37
N GLY A 218 -16.92 -10.27 -0.21
CA GLY A 218 -16.83 -11.64 0.25
C GLY A 218 -15.48 -12.00 0.84
N PHE A 219 -14.57 -11.04 1.02
CA PHE A 219 -13.31 -11.34 1.69
C PHE A 219 -13.58 -11.81 3.12
N HIS A 220 -12.71 -12.67 3.62
CA HIS A 220 -12.88 -13.29 4.91
C HIS A 220 -11.87 -12.76 5.92
N GLN A 221 -12.20 -12.91 7.20
CA GLN A 221 -11.28 -12.48 8.25
C GLN A 221 -10.08 -13.40 8.33
N PHE A 222 -8.89 -12.80 8.24
CA PHE A 222 -7.62 -13.50 8.32
C PHE A 222 -7.15 -13.47 9.77
N ALA A 223 -6.93 -14.64 10.35
CA ALA A 223 -6.70 -14.75 11.78
C ALA A 223 -5.32 -14.23 12.18
N GLU A 224 -5.26 -13.59 13.35
CA GLU A 224 -4.03 -13.05 13.92
C GLU A 224 -3.61 -13.90 15.12
N PHE A 225 -2.35 -14.31 15.13
CA PHE A 225 -1.82 -15.36 16.01
C PHE A 225 -2.85 -16.43 16.37
N GLU A 234 -2.38 -3.95 22.75
CA GLU A 234 -2.88 -2.92 23.65
C GLU A 234 -2.07 -1.64 23.54
N SER A 235 -1.82 -1.22 22.29
CA SER A 235 -1.03 -0.03 22.00
C SER A 235 -1.71 0.77 20.89
N GLY A 236 -2.90 1.30 21.20
CA GLY A 236 -3.50 2.34 20.40
C GLY A 236 -4.41 1.88 19.27
N LEU A 237 -4.51 0.58 19.00
CA LEU A 237 -5.31 0.16 17.86
C LEU A 237 -5.97 -1.19 18.12
N ASN A 238 -7.15 -1.36 17.54
CA ASN A 238 -7.73 -2.65 17.25
C ASN A 238 -7.72 -2.85 15.74
N SER A 239 -7.47 -4.07 15.28
CA SER A 239 -7.35 -4.30 13.86
C SER A 239 -7.98 -5.63 13.49
N ALA A 240 -8.24 -5.77 12.18
CA ALA A 240 -8.70 -7.00 11.58
C ALA A 240 -8.28 -6.97 10.11
N VAL A 241 -8.11 -8.14 9.54
CA VAL A 241 -7.57 -8.30 8.19
C VAL A 241 -8.57 -9.02 7.31
N LEU A 242 -8.86 -8.44 6.16
CA LEU A 242 -9.71 -9.07 5.15
C LEU A 242 -8.84 -9.63 4.04
N ALA A 243 -9.17 -10.84 3.57
CA ALA A 243 -8.34 -11.54 2.62
C ALA A 243 -9.18 -12.14 1.50
N SER A 244 -8.59 -12.19 0.30
CA SER A 244 -9.21 -12.85 -0.83
C SER A 244 -9.07 -14.37 -0.67
N ASN A 245 -9.61 -15.12 -1.63
CA ASN A 245 -9.69 -16.57 -1.53
C ASN A 245 -8.33 -17.21 -1.29
N ASP A 246 -7.33 -16.84 -2.08
CA ASP A 246 -5.99 -17.38 -1.87
C ASP A 246 -5.15 -16.52 -0.92
N GLU A 247 -5.75 -15.51 -0.30
CA GLU A 247 -5.12 -14.71 0.74
C GLU A 247 -3.88 -13.99 0.22
N MET A 248 -3.86 -13.68 -1.08
CA MET A 248 -2.85 -12.84 -1.71
C MET A 248 -3.23 -11.36 -1.77
N VAL A 249 -4.52 -11.04 -1.68
CA VAL A 249 -4.98 -9.66 -1.52
C VAL A 249 -5.35 -9.52 -0.05
N LEU A 250 -4.57 -8.72 0.69
CA LEU A 250 -4.72 -8.57 2.14
C LEU A 250 -4.99 -7.12 2.49
N LEU A 251 -6.09 -6.87 3.19
CA LEU A 251 -6.55 -5.52 3.47
C LEU A 251 -6.83 -5.37 4.96
N PRO A 252 -5.81 -5.14 5.77
CA PRO A 252 -6.04 -4.83 7.18
C PRO A 252 -6.71 -3.47 7.37
N ILE A 253 -7.48 -3.36 8.45
CA ILE A 253 -8.10 -2.11 8.87
C ILE A 253 -7.88 -1.92 10.37
N ASN A 254 -7.48 -0.72 10.77
CA ASN A 254 -7.27 -0.32 12.16
C ASN A 254 -8.29 0.71 12.60
N GLU A 255 -8.63 0.68 13.88
CA GLU A 255 -9.33 1.75 14.56
C GLU A 255 -8.53 2.15 15.79
N PRO A 256 -8.72 3.36 16.30
CA PRO A 256 -7.97 3.77 17.49
C PRO A 256 -8.52 3.13 18.76
N VAL A 257 -7.63 3.02 19.75
CA VAL A 257 -8.01 2.69 21.12
C VAL A 257 -7.84 3.95 21.94
N HIS A 258 -8.94 4.52 22.41
CA HIS A 258 -8.96 5.81 23.08
C HIS A 258 -8.73 5.66 24.58
N GLY A 259 -8.42 6.77 25.23
CA GLY A 259 -8.23 6.78 26.67
C GLY A 259 -6.97 6.07 27.13
N THR A 260 -5.93 6.07 26.31
CA THR A 260 -4.69 5.37 26.61
C THR A 260 -3.65 6.35 27.16
N LYS A 261 -2.62 5.78 27.80
CA LYS A 261 -1.53 6.60 28.32
C LYS A 261 -0.85 7.39 27.20
N ARG A 262 -0.45 6.70 26.14
CA ARG A 262 0.11 7.33 24.95
C ARG A 262 -0.98 7.47 23.88
N LYS A 263 -1.02 8.63 23.23
CA LYS A 263 -2.05 8.89 22.23
C LYS A 263 -1.91 7.92 21.06
N SER A 264 -3.05 7.40 20.60
CA SER A 264 -3.05 6.44 19.50
C SER A 264 -2.57 7.10 18.21
N GLN A 265 -1.60 6.46 17.55
CA GLN A 265 -1.18 6.93 16.24
C GLN A 265 -2.29 6.80 15.21
N ILE A 266 -3.25 5.90 15.45
CA ILE A 266 -4.43 5.83 14.58
C ILE A 266 -5.24 7.12 14.70
N GLN A 267 -5.43 7.60 15.93
CA GLN A 267 -6.17 8.85 16.12
C GLN A 267 -5.40 10.03 15.53
N THR A 268 -4.09 10.09 15.75
CA THR A 268 -3.28 11.14 15.13
C THR A 268 -3.47 11.13 13.62
N TYR A 269 -3.42 9.95 13.00
CA TYR A 269 -3.67 9.86 11.57
C TYR A 269 -5.01 10.48 11.21
N LEU A 270 -6.08 10.09 11.89
CA LEU A 270 -7.41 10.54 11.52
C LEU A 270 -7.53 12.05 11.63
N GLU A 271 -6.82 12.64 12.59
CA GLU A 271 -6.85 14.09 12.75
C GLU A 271 -6.12 14.78 11.60
N HIS A 272 -4.88 14.36 11.33
CA HIS A 272 -4.08 15.05 10.32
C HIS A 272 -4.55 14.73 8.90
N ASN A 273 -5.17 13.58 8.70
CA ASN A 273 -5.67 13.18 7.38
C ASN A 273 -7.05 13.73 7.09
N GLU A 274 -7.70 14.37 8.06
CA GLU A 274 -9.12 14.70 7.98
C GLU A 274 -9.96 13.46 7.70
N GLY A 275 -9.75 12.42 8.49
CA GLY A 275 -10.62 11.25 8.50
C GLY A 275 -9.93 10.00 7.99
N ALA A 276 -10.76 9.01 7.67
CA ALA A 276 -10.30 7.70 7.27
C ALA A 276 -9.47 7.78 5.99
N GLY A 277 -8.54 6.82 5.85
CA GLY A 277 -7.71 6.74 4.67
C GLY A 277 -6.69 5.63 4.80
N LEU A 278 -5.84 5.53 3.79
CA LEU A 278 -4.82 4.49 3.76
C LEU A 278 -3.65 4.89 4.66
N GLN A 279 -3.31 4.02 5.61
CA GLN A 279 -2.25 4.28 6.59
C GLN A 279 -0.89 3.79 6.11
N HIS A 280 -0.78 2.52 5.70
CA HIS A 280 0.53 2.10 5.22
C HIS A 280 0.42 1.06 4.12
N LEU A 281 1.45 1.05 3.28
CA LEU A 281 1.66 0.06 2.24
C LEU A 281 2.85 -0.79 2.65
N ALA A 282 2.67 -2.10 2.64
CA ALA A 282 3.73 -3.04 2.98
C ALA A 282 4.27 -3.64 1.70
N LEU A 283 5.56 -3.45 1.47
CA LEU A 283 6.19 -3.83 0.22
C LEU A 283 7.10 -5.01 0.53
N MET A 284 6.86 -6.14 -0.15
CA MET A 284 7.68 -7.32 0.04
C MET A 284 9.01 -7.15 -0.68
N SER A 285 10.10 -7.46 0.01
CA SER A 285 11.43 -7.48 -0.57
C SER A 285 11.88 -8.93 -0.74
N GLU A 286 12.59 -9.20 -1.83
CA GLU A 286 13.25 -10.50 -1.99
C GLU A 286 14.54 -10.59 -1.19
N ASP A 287 14.96 -9.50 -0.54
CA ASP A 287 16.19 -9.48 0.26
C ASP A 287 16.15 -8.23 1.12
N ILE A 288 15.49 -8.31 2.28
CA ILE A 288 15.23 -7.12 3.07
C ILE A 288 16.52 -6.49 3.58
N PHE A 289 17.60 -7.27 3.73
CA PHE A 289 18.85 -6.63 4.14
C PHE A 289 19.40 -5.74 3.04
N ARG A 290 19.35 -6.21 1.78
CA ARG A 290 19.81 -5.37 0.68
C ARG A 290 18.91 -4.15 0.51
N THR A 291 17.60 -4.36 0.58
CA THR A 291 16.68 -3.23 0.45
C THR A 291 16.97 -2.17 1.51
N LEU A 292 17.17 -2.60 2.76
CA LEU A 292 17.35 -1.64 3.84
C LEU A 292 18.71 -0.96 3.75
N ARG A 293 19.76 -1.70 3.38
CA ARG A 293 21.04 -1.02 3.15
C ARG A 293 20.88 0.08 2.09
N GLU A 294 20.19 -0.23 0.99
CA GLU A 294 20.10 0.70 -0.12
C GLU A 294 19.22 1.89 0.22
N MET A 295 18.09 1.65 0.88
CA MET A 295 17.22 2.77 1.24
C MET A 295 17.86 3.66 2.30
N ARG A 296 18.57 3.05 3.27
CA ARG A 296 19.17 3.85 4.34
C ARG A 296 20.33 4.69 3.83
N LYS A 297 21.08 4.19 2.84
CA LYS A 297 22.12 4.99 2.20
C LYS A 297 21.57 6.30 1.67
N ARG A 298 20.31 6.28 1.24
CA ARG A 298 19.70 7.41 0.54
C ARG A 298 18.79 8.25 1.43
N SER A 299 18.62 7.89 2.70
CA SER A 299 17.67 8.58 3.57
C SER A 299 17.88 10.10 3.59
N SER A 300 19.13 10.55 3.69
CA SER A 300 19.39 11.97 3.83
C SER A 300 19.79 12.64 2.52
N ILE A 301 19.72 11.91 1.40
CA ILE A 301 19.99 12.47 0.09
C ILE A 301 18.79 12.24 -0.84
N GLY A 302 17.59 12.46 -0.33
CA GLY A 302 16.38 12.51 -1.12
C GLY A 302 15.44 11.34 -0.92
N GLY A 303 15.88 10.30 -0.21
CA GLY A 303 15.06 9.11 -0.02
C GLY A 303 14.14 9.20 1.19
N PHE A 304 13.99 8.07 1.88
CA PHE A 304 13.05 7.93 2.98
C PHE A 304 13.79 7.70 4.29
N ASP A 305 13.26 8.26 5.35
CA ASP A 305 13.72 8.04 6.70
C ASP A 305 12.98 6.87 7.33
N PHE A 306 13.59 6.27 8.33
CA PHE A 306 13.00 5.15 9.05
C PHE A 306 12.75 5.54 10.50
N MET A 307 11.76 4.89 11.10
CA MET A 307 11.43 5.05 12.50
C MET A 307 12.65 4.76 13.36
N PRO A 308 12.71 5.29 14.58
CA PRO A 308 13.86 5.00 15.46
C PRO A 308 14.01 3.51 15.72
N SER A 309 15.26 3.05 15.69
CA SER A 309 15.56 1.64 15.87
C SER A 309 15.22 1.22 17.30
N PRO A 310 14.95 -0.07 17.51
CA PRO A 310 14.71 -0.56 18.86
C PRO A 310 15.98 -0.55 19.68
N PRO A 311 15.89 -0.60 21.01
CA PRO A 311 17.09 -0.70 21.84
C PRO A 311 17.77 -2.04 21.63
N PRO A 312 19.08 -2.13 21.90
CA PRO A 312 19.77 -3.41 21.68
C PRO A 312 19.27 -4.55 22.55
N THR A 313 18.57 -4.25 23.64
CA THR A 313 17.91 -5.32 24.39
C THR A 313 16.93 -6.11 23.53
N TYR A 314 16.29 -5.44 22.57
CA TYR A 314 15.43 -6.14 21.62
C TYR A 314 16.20 -7.18 20.83
N TYR A 315 17.38 -6.81 20.34
CA TYR A 315 18.17 -7.77 19.59
C TYR A 315 18.88 -8.77 20.49
N GLN A 316 19.12 -8.41 21.76
CA GLN A 316 19.59 -9.40 22.72
C GLN A 316 18.55 -10.50 22.94
N ASN A 317 17.26 -10.14 22.97
CA ASN A 317 16.19 -11.10 23.21
C ASN A 317 15.72 -11.80 21.95
N LEU A 318 16.34 -11.54 20.79
CA LEU A 318 15.89 -12.15 19.55
C LEU A 318 16.37 -13.58 19.40
N LYS A 319 17.62 -13.85 19.81
CA LYS A 319 18.15 -15.22 19.75
C LYS A 319 17.25 -16.18 20.49
N LYS A 320 16.66 -15.74 21.60
CA LYS A 320 15.77 -16.56 22.41
C LYS A 320 14.43 -16.84 21.75
N ARG A 321 14.11 -16.27 20.59
CA ARG A 321 12.82 -16.57 19.99
C ARG A 321 12.81 -16.76 18.48
N VAL A 322 13.88 -16.42 17.75
CA VAL A 322 13.98 -16.77 16.33
C VAL A 322 15.37 -17.28 16.01
N GLY A 323 16.14 -17.62 17.06
CA GLY A 323 17.49 -18.15 16.88
C GLY A 323 17.56 -19.43 16.08
N ASP A 324 16.44 -20.11 15.87
CA ASP A 324 16.40 -21.29 15.01
C ASP A 324 16.09 -20.95 13.56
N VAL A 325 15.65 -19.73 13.27
CA VAL A 325 15.37 -19.30 11.91
C VAL A 325 16.45 -18.36 11.37
N LEU A 326 17.09 -17.58 12.22
CA LEU A 326 18.13 -16.67 11.83
C LEU A 326 19.42 -17.01 12.57
N SER A 327 20.54 -16.93 11.87
CA SER A 327 21.83 -17.11 12.52
C SER A 327 22.15 -15.89 13.37
N ASP A 328 23.16 -16.05 14.24
CA ASP A 328 23.64 -14.90 15.00
C ASP A 328 24.17 -13.81 14.07
N ASP A 329 24.71 -14.20 12.92
CA ASP A 329 25.21 -13.21 11.97
C ASP A 329 24.06 -12.43 11.34
N GLN A 330 22.95 -13.10 11.04
CA GLN A 330 21.81 -12.41 10.45
C GLN A 330 20.96 -11.68 11.49
N ILE A 331 21.00 -12.11 12.75
CA ILE A 331 20.40 -11.32 13.81
C ILE A 331 21.21 -10.04 14.02
N LYS A 332 22.54 -10.15 14.00
CA LYS A 332 23.39 -8.97 14.03
C LYS A 332 23.05 -8.02 12.89
N GLU A 333 22.85 -8.56 11.68
CA GLU A 333 22.52 -7.74 10.53
C GLU A 333 21.18 -7.04 10.68
N CYS A 334 20.22 -7.68 11.35
CA CYS A 334 18.97 -7.01 11.70
C CYS A 334 19.22 -5.84 12.64
N GLU A 335 20.13 -6.01 13.61
CA GLU A 335 20.42 -4.93 14.55
C GLU A 335 21.01 -3.72 13.83
N GLU A 336 21.90 -3.95 12.86
CA GLU A 336 22.48 -2.84 12.11
C GLU A 336 21.41 -2.02 11.41
N LEU A 337 20.49 -2.70 10.74
CA LEU A 337 19.51 -2.06 9.89
C LEU A 337 18.24 -1.66 10.63
N GLY A 338 18.11 -2.02 11.91
CA GLY A 338 16.92 -1.68 12.66
C GLY A 338 15.71 -2.52 12.31
N ILE A 339 15.92 -3.73 11.82
CA ILE A 339 14.82 -4.59 11.37
C ILE A 339 14.14 -5.22 12.57
N LEU A 340 12.80 -5.29 12.52
CA LEU A 340 11.98 -5.99 13.51
C LEU A 340 11.68 -7.40 13.03
N VAL A 341 11.56 -8.33 13.98
CA VAL A 341 11.28 -9.73 13.67
C VAL A 341 10.13 -10.21 14.54
N ASP A 342 9.13 -10.84 13.91
CA ASP A 342 8.03 -11.45 14.65
C ASP A 342 7.85 -12.87 14.16
N ARG A 343 7.33 -13.71 15.06
CA ARG A 343 7.10 -15.12 14.82
C ARG A 343 5.62 -15.41 14.92
N ASP A 344 5.10 -16.17 13.95
CA ASP A 344 3.73 -16.67 13.98
C ASP A 344 3.70 -18.07 14.57
N ASP A 345 2.74 -18.87 14.11
CA ASP A 345 2.80 -20.31 14.29
C ASP A 345 3.17 -21.04 13.01
N GLN A 346 3.16 -20.33 11.87
CA GLN A 346 3.49 -20.90 10.58
C GLN A 346 4.71 -20.29 9.93
N GLY A 347 5.09 -19.07 10.30
CA GLY A 347 6.22 -18.43 9.65
C GLY A 347 6.78 -17.28 10.48
N THR A 348 7.83 -16.67 9.93
CA THR A 348 8.55 -15.58 10.55
C THR A 348 8.45 -14.34 9.68
N LEU A 349 8.40 -13.17 10.32
CA LEU A 349 8.21 -11.90 9.63
C LEU A 349 9.37 -10.97 9.95
N LEU A 350 10.03 -10.46 8.91
CA LEU A 350 10.99 -9.37 9.02
C LEU A 350 10.32 -8.10 8.51
N GLN A 351 10.39 -7.01 9.27
CA GLN A 351 9.63 -5.80 8.95
C GLN A 351 10.33 -4.55 9.49
N ILE A 352 10.04 -3.41 8.85
CA ILE A 352 10.56 -2.13 9.31
C ILE A 352 9.67 -1.06 8.69
N PHE A 353 9.59 0.08 9.34
CA PHE A 353 8.66 1.13 8.97
C PHE A 353 9.39 2.42 8.65
N THR A 354 8.97 3.08 7.58
CA THR A 354 9.48 4.41 7.30
C THR A 354 8.77 5.44 8.16
N LYS A 355 9.39 6.61 8.27
CA LYS A 355 8.67 7.79 8.72
C LYS A 355 7.66 8.17 7.65
N PRO A 356 6.71 9.05 7.96
CA PRO A 356 5.69 9.43 6.97
C PRO A 356 6.32 9.89 5.66
N LEU A 357 5.64 9.56 4.56
CA LEU A 357 6.17 9.81 3.23
C LEU A 357 6.10 11.28 2.82
N GLY A 358 5.24 12.06 3.45
CA GLY A 358 5.05 13.46 3.06
C GLY A 358 5.00 14.38 4.26
N ASP A 359 4.42 15.57 4.07
CA ASP A 359 4.39 16.58 5.12
C ASP A 359 3.60 16.13 6.34
N ARG A 360 2.52 15.40 6.13
CA ARG A 360 1.64 15.10 7.25
C ARG A 360 1.99 13.76 7.89
N PRO A 361 1.70 13.60 9.27
CA PRO A 361 1.93 12.30 9.94
C PRO A 361 0.81 11.32 9.62
N THR A 362 0.79 10.90 8.35
CA THR A 362 -0.31 10.07 7.85
C THR A 362 0.26 8.81 7.23
N ILE A 363 0.44 8.78 5.91
CA ILE A 363 0.84 7.55 5.23
C ILE A 363 2.34 7.30 5.43
N PHE A 364 2.70 6.02 5.62
CA PHE A 364 4.08 5.57 5.65
C PHE A 364 4.20 4.23 4.92
N ILE A 365 5.43 3.73 4.81
CA ILE A 365 5.66 2.49 4.11
C ILE A 365 6.29 1.50 5.08
N GLU A 366 5.95 0.23 4.88
CA GLU A 366 6.56 -0.90 5.58
C GLU A 366 7.30 -1.72 4.55
N ILE A 367 8.54 -2.11 4.88
CA ILE A 367 9.26 -3.10 4.08
C ILE A 367 9.22 -4.42 4.84
N ILE A 368 8.94 -5.52 4.13
CA ILE A 368 8.82 -6.82 4.79
C ILE A 368 9.45 -7.91 3.95
N GLN A 369 9.80 -9.00 4.64
CA GLN A 369 10.11 -10.26 4.00
C GLN A 369 9.62 -11.36 4.91
N ARG A 370 9.02 -12.38 4.32
CA ARG A 370 8.42 -13.48 5.06
C ARG A 370 9.19 -14.76 4.77
N VAL A 371 9.32 -15.61 5.79
CA VAL A 371 10.04 -16.86 5.64
C VAL A 371 9.19 -17.98 6.26
N GLY A 372 8.95 -19.03 5.50
CA GLY A 372 8.13 -20.14 5.90
C GLY A 372 6.93 -20.32 4.98
N CYS A 373 6.04 -21.23 5.38
CA CYS A 373 4.78 -21.50 4.70
C CYS A 373 4.97 -21.76 3.21
N MET A 374 5.83 -22.72 2.89
CA MET A 374 6.01 -23.13 1.50
C MET A 374 5.08 -24.31 1.20
N MET A 375 4.46 -24.27 0.03
CA MET A 375 3.65 -25.38 -0.47
C MET A 375 4.18 -25.76 -1.85
N TYR A 383 5.69 -22.13 -4.06
CA TYR A 383 5.17 -20.81 -3.71
C TYR A 383 5.03 -20.65 -2.21
N GLN A 384 4.78 -19.42 -1.76
CA GLN A 384 4.57 -19.12 -0.35
C GLN A 384 3.13 -18.69 -0.13
N SER A 385 2.52 -19.20 0.94
CA SER A 385 1.13 -18.83 1.23
C SER A 385 1.10 -17.44 1.85
N GLY A 386 -0.06 -16.79 1.73
CA GLY A 386 -0.14 -15.39 2.06
C GLY A 386 -0.18 -15.12 3.55
N GLY A 387 0.34 -13.95 3.91
CA GLY A 387 0.34 -13.55 5.31
C GLY A 387 1.19 -14.42 6.20
N CYS A 388 2.08 -15.22 5.62
CA CYS A 388 3.00 -16.08 6.34
C CYS A 388 3.76 -15.31 7.41
N GLY A 389 3.45 -15.57 8.68
CA GLY A 389 4.10 -14.88 9.78
C GLY A 389 3.28 -13.78 10.40
N GLY A 390 2.11 -13.47 9.84
CA GLY A 390 1.26 -12.47 10.43
C GLY A 390 1.66 -11.07 9.98
N PHE A 391 1.42 -10.10 10.86
CA PHE A 391 1.64 -8.70 10.52
C PHE A 391 2.47 -7.99 11.59
N GLY A 392 3.05 -8.73 12.53
CA GLY A 392 3.93 -8.16 13.52
C GLY A 392 3.25 -7.69 14.78
N LYS A 393 2.00 -8.08 15.01
CA LYS A 393 1.28 -7.64 16.19
C LYS A 393 2.08 -7.89 17.46
N GLY A 394 2.85 -8.97 17.50
CA GLY A 394 3.64 -9.27 18.68
C GLY A 394 4.79 -8.30 18.91
N ASN A 395 5.23 -7.63 17.84
CA ASN A 395 6.35 -6.70 17.97
C ASN A 395 5.99 -5.47 18.80
N PHE A 396 4.70 -5.21 19.02
CA PHE A 396 4.32 -4.07 19.86
C PHE A 396 4.70 -4.34 21.32
N SER A 397 4.23 -5.44 21.88
CA SER A 397 4.58 -5.76 23.27
C SER A 397 6.08 -6.03 23.42
N GLU A 398 6.68 -6.66 22.41
CA GLU A 398 8.11 -6.95 22.48
C GLU A 398 8.95 -5.68 22.48
N LEU A 399 8.51 -4.67 21.74
CA LEU A 399 9.20 -3.39 21.77
C LEU A 399 9.01 -2.70 23.11
N PHE A 400 7.79 -2.74 23.65
CA PHE A 400 7.54 -2.16 24.97
C PHE A 400 8.43 -2.82 26.02
N LYS A 401 8.44 -4.16 26.05
CA LYS A 401 9.26 -4.88 27.03
C LYS A 401 10.74 -4.54 26.85
N SER A 402 11.23 -4.58 25.61
CA SER A 402 12.64 -4.29 25.35
C SER A 402 13.02 -2.88 25.75
N ILE A 403 12.16 -1.90 25.45
CA ILE A 403 12.44 -0.52 25.84
C ILE A 403 12.52 -0.40 27.35
N GLU A 404 11.60 -1.04 28.07
CA GLU A 404 11.59 -0.97 29.53
C GLU A 404 12.85 -1.61 30.11
N GLU A 405 13.30 -2.73 29.52
CA GLU A 405 14.49 -3.42 30.03
C GLU A 405 15.74 -2.58 29.83
N TYR A 406 15.90 -1.99 28.64
CA TYR A 406 17.02 -1.10 28.39
C TYR A 406 17.03 0.06 29.38
N GLU A 407 15.87 0.70 29.57
CA GLU A 407 15.77 1.82 30.48
C GLU A 407 15.82 1.39 31.94
N LYS A 408 15.45 0.14 32.24
CA LYS A 408 15.62 -0.35 33.61
C LYS A 408 17.10 -0.45 33.97
N THR A 409 17.94 -0.80 33.00
CA THR A 409 19.38 -0.85 33.21
C THR A 409 19.95 0.55 33.44
CO CO B . 1.79 -3.97 8.12
C10 WI9 C . 4.02 -3.00 13.91
C13 WI9 C . 2.61 -1.41 12.16
C15 WI9 C . 5.29 0.42 14.53
C17 WI9 C . 3.70 0.49 12.88
C20 WI9 C . 4.23 3.27 15.86
C21 WI9 C . 3.85 4.25 16.76
C22 WI9 C . 3.57 5.53 16.31
C24 WI9 C . 4.02 4.86 14.07
C28 WI9 C . 4.68 -4.09 14.79
C01 WI9 C . -2.15 -4.00 12.56
C02 WI9 C . -2.56 -5.09 11.59
C03 WI9 C . -2.20 -4.69 10.18
C04 WI9 C . -0.71 -4.38 10.08
C05 WI9 C . 0.01 -3.90 11.35
C06 WI9 C . -0.63 -3.81 12.52
C07 WI9 C . 1.42 -3.36 11.19
C08 WI9 C . 2.36 -2.76 12.20
C09 WI9 C . 3.08 -3.55 13.05
C11 WI9 C . 4.28 -1.60 13.91
C12 WI9 C . 3.54 -0.85 13.00
C18 WI9 C . 4.70 2.56 13.46
C19 WI9 C . 4.30 3.57 14.51
C23 WI9 C . 3.65 5.84 14.97
C27 WI9 C . 6.05 -1.43 15.71
N14 WI9 C . 5.16 -0.91 14.68
N16 WI9 C . 4.53 1.13 13.66
O25 WI9 C . 6.06 1.00 15.23
O26 WI9 C . 3.02 1.09 12.10
O29 WI9 C . 1.91 -3.41 10.10
O30 WI9 C . 0.07 -3.86 13.72
O31 WI9 C . -0.16 -4.52 9.05
#